data_4YCG
#
_entry.id   4YCG
#
_cell.length_a   120.780
_cell.length_b   120.780
_cell.length_c   220.620
_cell.angle_alpha   90.000
_cell.angle_beta   90.000
_cell.angle_gamma   120.000
#
_symmetry.space_group_name_H-M   'P 32 2 1'
#
loop_
_entity.id
_entity.type
_entity.pdbx_description
1 polymer 'Bone Morphogenetic Protein 9 Growth Factor Domain'
2 polymer 'Bone Morphogenetic Protein 9 Prodomain'
3 branched 2-acetamido-2-deoxy-beta-D-glucopyranose-(1-4)-2-acetamido-2-deoxy-beta-D-glucopyranose
4 non-polymer 'ZINC ION'
5 water water
#
loop_
_entity_poly.entity_id
_entity_poly.type
_entity_poly.pdbx_seq_one_letter_code
_entity_poly.pdbx_strand_id
1 'polypeptide(L)'
;KPLQNWEQASPGENAHSSLGLSGAGEEGVFDLQMFLENMKVDFLRSLNLSGIPSQDKTRAEPPQYMIDLYNRYTTDKSST
PASNIVRSFSVEDAISTAATEDFPFQKHILIFNISIPRHEQITRAELRLYVSCQNDVDSTHGLEGSMVVYDVLEDSETWD
QATGTKTFLVSQDIRDEGWETLEVSSAVKRWVRADSTTNKNKLEVTVQSHRESCDTLDISVPPGSKNLPFFVVFSNDRSN
GTKETRLELKEMIGHEQETMLVKTAKNAYQVAGESQEEEGLDGYTAVGPLLARRKR
;
A,B
2 'polypeptide(L)'
;SAGAGSHCQKTSLRVNFEDIGWDSWIIAPKEYEAYECKGGCFFPLADDVTPTKHAIVQTLVHLKFPTKVGKACCVPTKLS
PISVLYKDDMGVPTLKYHYEGMSVAECGCR
;
C,D
#
# COMPACT_ATOMS: atom_id res chain seq x y z
N PRO A 62 24.33 -22.54 -17.29
CA PRO A 62 24.07 -22.09 -15.91
C PRO A 62 24.48 -23.13 -14.87
N PRO A 63 25.37 -22.75 -13.94
CA PRO A 63 25.90 -23.64 -12.89
C PRO A 63 24.81 -24.28 -12.04
N GLN A 64 25.05 -25.53 -11.62
CA GLN A 64 24.10 -26.24 -10.76
C GLN A 64 24.11 -25.68 -9.34
N TYR A 65 25.08 -24.82 -9.05
CA TYR A 65 25.15 -24.12 -7.78
C TYR A 65 23.90 -23.26 -7.61
N MET A 66 23.49 -22.62 -8.70
CA MET A 66 22.27 -21.83 -8.71
C MET A 66 21.05 -22.72 -8.51
N ILE A 67 21.08 -23.90 -9.13
CA ILE A 67 19.99 -24.88 -9.02
C ILE A 67 19.85 -25.40 -7.60
N ASP A 68 20.98 -25.69 -6.96
CA ASP A 68 20.98 -26.16 -5.58
C ASP A 68 20.50 -25.08 -4.62
N LEU A 69 20.82 -23.82 -4.94
CA LEU A 69 20.34 -22.69 -4.15
C LEU A 69 18.82 -22.60 -4.26
N TYR A 70 18.28 -22.88 -5.44
CA TYR A 70 16.84 -22.94 -5.64
C TYR A 70 16.23 -24.01 -4.75
N ASN A 71 16.81 -25.20 -4.79
CA ASN A 71 16.34 -26.32 -3.99
C ASN A 71 16.43 -26.03 -2.49
N ARG A 72 17.47 -25.29 -2.11
CA ARG A 72 17.66 -24.87 -0.72
C ARG A 72 16.52 -23.95 -0.26
N TYR A 73 16.17 -22.99 -1.12
CA TYR A 73 15.12 -22.03 -0.79
C TYR A 73 13.74 -22.67 -0.69
N THR A 74 13.49 -23.66 -1.54
CA THR A 74 12.16 -24.27 -1.63
C THR A 74 11.91 -25.34 -0.57
N THR A 75 12.95 -26.08 -0.19
CA THR A 75 12.83 -27.13 0.81
C THR A 75 12.84 -26.56 2.23
N ASP A 76 13.40 -25.37 2.39
CA ASP A 76 13.42 -24.71 3.70
C ASP A 76 12.55 -23.46 3.71
N LYS A 77 11.24 -23.67 3.64
CA LYS A 77 10.30 -22.55 3.68
C LYS A 77 10.26 -21.93 5.08
N SER A 78 10.63 -22.72 6.08
CA SER A 78 10.69 -22.25 7.46
C SER A 78 11.92 -21.38 7.69
N SER A 79 12.90 -21.49 6.80
CA SER A 79 14.13 -20.72 6.92
C SER A 79 14.36 -19.84 5.69
N THR A 80 13.95 -18.58 5.79
CA THR A 80 14.10 -17.63 4.69
C THR A 80 15.54 -17.17 4.53
N PRO A 81 16.03 -17.12 3.27
CA PRO A 81 17.39 -16.66 2.98
C PRO A 81 17.56 -15.16 3.21
N ALA A 82 18.81 -14.73 3.38
CA ALA A 82 19.11 -13.33 3.65
C ALA A 82 18.96 -12.46 2.40
N SER A 83 19.18 -13.05 1.23
CA SER A 83 19.13 -12.30 -0.02
C SER A 83 18.08 -12.86 -0.98
N ASN A 84 17.34 -11.96 -1.61
CA ASN A 84 16.29 -12.35 -2.55
C ASN A 84 16.85 -12.62 -3.96
N ILE A 85 17.60 -11.66 -4.49
CA ILE A 85 18.13 -11.77 -5.84
C ILE A 85 19.50 -12.43 -5.86
N VAL A 86 19.66 -13.46 -6.69
CA VAL A 86 20.94 -14.13 -6.86
C VAL A 86 21.27 -14.26 -8.35
N ARG A 87 22.48 -13.84 -8.73
CA ARG A 87 22.90 -13.94 -10.13
C ARG A 87 24.24 -14.65 -10.29
N SER A 88 24.39 -15.38 -11.39
CA SER A 88 25.63 -16.09 -11.69
C SER A 88 26.36 -15.46 -12.88
N PHE A 89 27.63 -15.13 -12.68
CA PHE A 89 28.44 -14.53 -13.73
C PHE A 89 29.70 -15.35 -14.01
N SER A 90 29.73 -16.00 -15.17
CA SER A 90 30.90 -16.78 -15.58
C SER A 90 32.02 -15.85 -16.03
N VAL A 91 33.25 -16.32 -15.92
CA VAL A 91 34.42 -15.52 -16.31
C VAL A 91 34.39 -15.22 -17.81
N GLU A 92 34.66 -13.96 -18.15
CA GLU A 92 34.61 -13.53 -19.55
C GLU A 92 35.92 -13.83 -20.27
N ASP A 93 37.03 -13.52 -19.61
CA ASP A 93 38.35 -13.77 -20.17
C ASP A 93 39.37 -14.00 -19.05
N ALA A 94 40.46 -14.69 -19.37
CA ALA A 94 41.47 -15.02 -18.36
C ALA A 94 42.90 -14.89 -18.90
N ILE A 95 43.73 -14.16 -18.15
CA ILE A 95 45.14 -14.00 -18.49
C ILE A 95 46.01 -14.73 -17.46
N SER A 96 46.70 -15.78 -17.91
CA SER A 96 47.45 -16.64 -17.00
C SER A 96 48.96 -16.51 -17.18
N THR A 97 49.68 -16.33 -16.07
CA THR A 97 51.14 -16.29 -16.09
C THR A 97 51.70 -17.36 -15.16
N ALA A 98 52.57 -18.21 -15.72
CA ALA A 98 53.16 -19.31 -14.95
C ALA A 98 54.14 -18.81 -13.89
N ALA A 99 54.42 -19.66 -12.90
CA ALA A 99 55.36 -19.33 -11.83
C ALA A 99 56.78 -19.12 -12.35
N THR A 100 57.46 -18.13 -11.79
CA THR A 100 58.85 -17.85 -12.12
C THR A 100 59.69 -17.88 -10.84
N GLU A 101 61.01 -17.82 -10.99
CA GLU A 101 61.89 -17.77 -9.82
C GLU A 101 61.68 -16.48 -9.05
N ASP A 102 61.42 -15.40 -9.79
CA ASP A 102 61.15 -14.10 -9.17
C ASP A 102 59.82 -14.12 -8.42
N PHE A 103 58.81 -14.73 -9.02
CA PHE A 103 57.49 -14.85 -8.40
C PHE A 103 57.01 -16.29 -8.42
N PRO A 104 57.38 -17.07 -7.39
CA PRO A 104 57.10 -18.51 -7.32
C PRO A 104 55.63 -18.83 -7.04
N PHE A 105 54.74 -18.48 -7.97
CA PHE A 105 53.33 -18.82 -7.85
C PHE A 105 52.60 -18.56 -9.17
N GLN A 106 51.47 -19.23 -9.35
CA GLN A 106 50.65 -19.04 -10.55
C GLN A 106 49.87 -17.74 -10.46
N LYS A 107 49.84 -16.98 -11.55
CA LYS A 107 49.13 -15.72 -11.58
C LYS A 107 47.97 -15.77 -12.56
N HIS A 108 46.79 -15.37 -12.11
CA HIS A 108 45.61 -15.35 -12.97
C HIS A 108 44.84 -14.04 -12.85
N ILE A 109 44.64 -13.37 -13.98
CA ILE A 109 43.76 -12.21 -14.02
C ILE A 109 42.41 -12.62 -14.60
N LEU A 110 41.38 -12.56 -13.77
CA LEU A 110 40.06 -13.02 -14.18
C LEU A 110 39.16 -11.85 -14.54
N ILE A 111 38.82 -11.75 -15.83
CA ILE A 111 37.98 -10.67 -16.32
C ILE A 111 36.52 -11.10 -16.36
N PHE A 112 35.65 -10.33 -15.69
CA PHE A 112 34.22 -10.64 -15.67
C PHE A 112 33.42 -9.52 -16.32
N ASN A 113 32.12 -9.74 -16.46
CA ASN A 113 31.24 -8.68 -16.93
C ASN A 113 30.06 -8.51 -15.98
N ILE A 114 30.36 -8.31 -14.71
CA ILE A 114 29.33 -8.12 -13.70
C ILE A 114 28.63 -6.78 -13.86
N SER A 115 27.33 -6.82 -14.04
CA SER A 115 26.53 -5.60 -14.20
C SER A 115 25.25 -5.70 -13.39
N ILE A 116 25.26 -5.09 -12.21
CA ILE A 116 24.08 -5.08 -11.35
C ILE A 116 23.40 -3.73 -11.42
N PRO A 117 22.08 -3.74 -11.67
CA PRO A 117 21.26 -2.52 -11.78
C PRO A 117 21.45 -1.55 -10.62
N ARG A 118 21.43 -0.26 -10.94
CA ARG A 118 21.70 0.80 -9.97
C ARG A 118 20.71 0.78 -8.80
N HIS A 119 19.46 0.43 -9.09
CA HIS A 119 18.41 0.45 -8.06
C HIS A 119 18.53 -0.73 -7.09
N GLU A 120 19.49 -1.62 -7.33
CA GLU A 120 19.68 -2.77 -6.47
C GLU A 120 20.84 -2.58 -5.50
N GLN A 121 20.70 -3.15 -4.30
CA GLN A 121 21.77 -3.11 -3.30
C GLN A 121 22.28 -4.51 -3.02
N ILE A 122 23.46 -4.83 -3.53
CA ILE A 122 24.05 -6.15 -3.36
C ILE A 122 24.54 -6.35 -1.92
N THR A 123 24.51 -7.60 -1.46
CA THR A 123 24.86 -7.91 -0.09
C THR A 123 26.10 -8.79 0.00
N ARG A 124 26.19 -9.79 -0.87
CA ARG A 124 27.33 -10.70 -0.85
C ARG A 124 27.74 -11.10 -2.28
N ALA A 125 29.04 -11.35 -2.46
CA ALA A 125 29.56 -11.87 -3.71
C ALA A 125 30.53 -13.01 -3.46
N GLU A 126 30.40 -14.08 -4.22
CA GLU A 126 31.28 -15.24 -4.06
C GLU A 126 32.07 -15.54 -5.33
N LEU A 127 33.37 -15.74 -5.18
CA LEU A 127 34.21 -16.19 -6.30
C LEU A 127 34.51 -17.67 -6.12
N ARG A 128 33.96 -18.49 -6.99
CA ARG A 128 34.11 -19.94 -6.87
C ARG A 128 35.19 -20.45 -7.82
N LEU A 129 36.24 -21.03 -7.23
CA LEU A 129 37.38 -21.51 -8.00
C LEU A 129 37.55 -23.01 -7.80
N TYR A 130 38.03 -23.70 -8.84
CA TYR A 130 38.26 -25.13 -8.75
C TYR A 130 39.74 -25.44 -8.56
N VAL A 131 40.12 -25.76 -7.32
CA VAL A 131 41.50 -26.10 -7.01
C VAL A 131 41.79 -27.54 -7.41
N SER A 132 42.83 -27.74 -8.20
CA SER A 132 43.18 -29.07 -8.70
C SER A 132 44.63 -29.16 -9.14
N CYS A 133 45.25 -30.31 -8.88
CA CYS A 133 46.58 -30.58 -9.41
C CYS A 133 46.45 -30.94 -10.90
N GLN A 134 46.98 -30.07 -11.74
CA GLN A 134 46.71 -30.12 -13.17
C GLN A 134 47.38 -31.28 -13.90
N ASN A 135 46.94 -32.51 -13.60
CA ASN A 135 47.34 -33.72 -14.31
C ASN A 135 48.85 -33.88 -14.52
N ASP A 136 49.63 -33.50 -13.51
CA ASP A 136 51.07 -33.67 -13.56
C ASP A 136 51.46 -35.10 -13.21
N VAL A 137 52.59 -35.56 -13.74
CA VAL A 137 53.14 -36.84 -13.33
C VAL A 137 53.64 -36.68 -11.91
N ASP A 138 53.56 -37.76 -11.12
CA ASP A 138 53.91 -37.73 -9.70
C ASP A 138 52.92 -36.86 -8.91
N SER A 139 51.69 -36.79 -9.39
CA SER A 139 50.64 -36.01 -8.74
C SER A 139 50.20 -36.62 -7.41
N THR A 140 50.60 -37.85 -7.17
CA THR A 140 50.27 -38.52 -5.91
C THR A 140 51.16 -38.02 -4.77
N HIS A 141 52.09 -37.13 -5.10
CA HIS A 141 53.01 -36.57 -4.12
C HIS A 141 52.35 -35.54 -3.19
N GLY A 142 51.12 -35.14 -3.50
CA GLY A 142 50.42 -34.21 -2.62
C GLY A 142 49.73 -33.04 -3.31
N LEU A 143 48.79 -32.44 -2.60
CA LEU A 143 48.08 -31.26 -3.09
C LEU A 143 47.78 -30.34 -1.91
N GLU A 144 48.66 -29.37 -1.68
CA GLU A 144 48.49 -28.45 -0.56
C GLU A 144 49.20 -27.12 -0.82
N GLY A 145 48.51 -26.03 -0.52
CA GLY A 145 49.07 -24.71 -0.75
C GLY A 145 48.18 -23.60 -0.26
N SER A 146 48.30 -22.43 -0.88
CA SER A 146 47.45 -21.30 -0.53
C SER A 146 47.19 -20.47 -1.78
N MET A 147 46.13 -19.66 -1.73
CA MET A 147 45.82 -18.79 -2.85
C MET A 147 45.28 -17.46 -2.36
N VAL A 148 45.56 -16.41 -3.13
CA VAL A 148 45.18 -15.05 -2.78
C VAL A 148 44.53 -14.33 -3.96
N VAL A 149 43.41 -13.66 -3.70
CA VAL A 149 42.73 -12.89 -4.73
C VAL A 149 42.84 -11.38 -4.44
N TYR A 150 43.23 -10.62 -5.46
CA TYR A 150 43.34 -9.17 -5.35
C TYR A 150 42.34 -8.50 -6.28
N ASP A 151 41.72 -7.41 -5.82
CA ASP A 151 40.92 -6.58 -6.71
C ASP A 151 41.86 -5.69 -7.52
N VAL A 152 41.91 -5.91 -8.82
CA VAL A 152 42.81 -5.16 -9.69
C VAL A 152 42.28 -3.76 -9.97
N LEU A 153 43.07 -2.76 -9.61
CA LEU A 153 42.72 -1.37 -9.88
C LEU A 153 43.38 -0.94 -11.18
N GLU A 154 44.70 -0.95 -11.17
CA GLU A 154 45.50 -0.65 -12.35
C GLU A 154 46.21 -1.90 -12.86
N ASP A 155 45.95 -2.26 -14.12
CA ASP A 155 46.66 -3.38 -14.73
C ASP A 155 47.77 -2.88 -15.64
N SER A 156 48.52 -3.82 -16.23
CA SER A 156 49.58 -3.48 -17.16
C SER A 156 49.96 -4.70 -17.99
N GLU A 157 49.96 -4.54 -19.31
CA GLU A 157 50.21 -5.66 -20.22
C GLU A 157 51.69 -6.01 -20.28
N THR A 158 52.24 -6.45 -19.15
CA THR A 158 53.62 -6.89 -19.06
C THR A 158 53.66 -8.23 -18.33
N TRP A 159 53.64 -8.17 -17.01
CA TRP A 159 53.56 -9.36 -16.19
C TRP A 159 52.28 -9.30 -15.35
N ASP A 160 52.01 -10.37 -14.61
CA ASP A 160 50.93 -10.37 -13.63
C ASP A 160 51.55 -10.35 -12.23
N GLN A 161 50.87 -9.69 -11.29
CA GLN A 161 51.37 -9.50 -9.92
C GLN A 161 52.59 -8.56 -9.88
N ALA A 162 53.53 -8.76 -10.80
CA ALA A 162 54.75 -7.96 -10.87
C ALA A 162 54.50 -6.51 -11.30
N THR A 163 53.23 -6.13 -11.47
CA THR A 163 52.92 -4.76 -11.86
C THR A 163 51.54 -4.31 -11.37
N GLY A 164 51.21 -3.06 -11.66
CA GLY A 164 49.89 -2.51 -11.37
C GLY A 164 49.56 -2.30 -9.90
N THR A 165 48.31 -1.93 -9.65
CA THR A 165 47.84 -1.67 -8.30
C THR A 165 46.74 -2.65 -7.90
N LYS A 166 46.92 -3.30 -6.76
CA LYS A 166 45.99 -4.31 -6.28
C LYS A 166 45.55 -4.08 -4.84
N THR A 167 44.33 -4.52 -4.53
CA THR A 167 43.80 -4.47 -3.18
C THR A 167 43.44 -5.87 -2.70
N PHE A 168 44.08 -6.33 -1.65
CA PHE A 168 43.98 -7.73 -1.25
C PHE A 168 42.56 -8.00 -0.75
N LEU A 169 41.98 -9.10 -1.23
CA LEU A 169 40.61 -9.47 -0.85
C LEU A 169 40.59 -10.61 0.16
N VAL A 170 41.00 -11.80 -0.28
CA VAL A 170 40.90 -13.00 0.55
C VAL A 170 42.16 -13.85 0.45
N SER A 171 42.64 -14.33 1.60
CA SER A 171 43.71 -15.32 1.64
C SER A 171 43.10 -16.67 1.99
N GLN A 172 43.37 -17.68 1.15
CA GLN A 172 42.75 -18.98 1.30
C GLN A 172 43.77 -20.11 1.25
N ASP A 173 43.84 -20.89 2.33
CA ASP A 173 44.64 -22.10 2.33
C ASP A 173 43.86 -23.24 1.68
N ILE A 174 44.53 -24.01 0.84
CA ILE A 174 43.86 -25.07 0.09
C ILE A 174 44.47 -26.45 0.35
N ARG A 175 43.63 -27.47 0.31
CA ARG A 175 44.07 -28.84 0.55
C ARG A 175 43.37 -29.81 -0.39
N ASP A 176 42.05 -29.91 -0.25
CA ASP A 176 41.25 -30.82 -1.07
C ASP A 176 41.11 -30.31 -2.50
N GLU A 177 41.17 -31.24 -3.46
CA GLU A 177 40.79 -30.93 -4.83
C GLU A 177 39.28 -30.71 -4.90
N GLY A 178 38.88 -29.58 -5.46
CA GLY A 178 37.47 -29.24 -5.53
C GLY A 178 37.21 -27.75 -5.53
N TRP A 179 35.95 -27.38 -5.33
CA TRP A 179 35.54 -25.98 -5.38
C TRP A 179 35.78 -25.24 -4.07
N GLU A 180 36.37 -24.07 -4.17
CA GLU A 180 36.58 -23.20 -3.02
C GLU A 180 35.76 -21.92 -3.20
N THR A 181 35.25 -21.38 -2.10
CA THR A 181 34.45 -20.15 -2.16
C THR A 181 35.16 -18.97 -1.51
N LEU A 182 35.36 -17.91 -2.27
CA LEU A 182 36.04 -16.73 -1.76
C LEU A 182 35.07 -15.56 -1.64
N GLU A 183 34.91 -15.04 -0.43
CA GLU A 183 34.00 -13.93 -0.18
C GLU A 183 34.63 -12.60 -0.62
N VAL A 184 34.39 -12.23 -1.87
CA VAL A 184 34.99 -11.03 -2.45
C VAL A 184 33.93 -9.95 -2.70
N SER A 185 33.03 -9.79 -1.74
CA SER A 185 31.94 -8.81 -1.81
C SER A 185 32.44 -7.39 -2.08
N SER A 186 33.49 -7.00 -1.35
CA SER A 186 34.06 -5.65 -1.46
C SER A 186 34.37 -5.24 -2.90
N ALA A 187 35.01 -6.14 -3.65
CA ALA A 187 35.43 -5.85 -5.01
C ALA A 187 34.26 -5.53 -5.94
N VAL A 188 33.21 -6.35 -5.85
CA VAL A 188 32.04 -6.20 -6.71
C VAL A 188 31.28 -4.90 -6.40
N LYS A 189 31.20 -4.56 -5.12
CA LYS A 189 30.56 -3.32 -4.70
C LYS A 189 31.22 -2.10 -5.35
N ARG A 190 32.55 -2.14 -5.47
CA ARG A 190 33.26 -1.09 -6.17
C ARG A 190 32.98 -1.14 -7.67
N TRP A 191 32.76 -2.35 -8.19
CA TRP A 191 32.48 -2.51 -9.61
C TRP A 191 31.09 -1.98 -9.95
N VAL A 192 30.15 -2.14 -9.02
CA VAL A 192 28.79 -1.65 -9.20
C VAL A 192 28.80 -0.12 -9.27
N ARG A 193 29.38 0.50 -8.24
CA ARG A 193 29.62 1.94 -8.26
C ARG A 193 30.90 2.22 -9.03
N ALA A 194 30.85 2.03 -10.35
CA ALA A 194 32.02 2.19 -11.21
C ALA A 194 32.55 3.63 -11.19
N ASP A 195 31.64 4.59 -11.32
CA ASP A 195 31.98 6.01 -11.39
C ASP A 195 33.01 6.28 -12.50
N SER A 196 32.91 5.51 -13.58
CA SER A 196 33.83 5.59 -14.71
C SER A 196 35.30 5.51 -14.25
N THR A 197 36.02 6.59 -14.46
CA THR A 197 37.43 6.73 -14.06
C THR A 197 38.28 5.49 -14.31
N THR A 198 38.66 4.82 -13.22
CA THR A 198 39.54 3.65 -13.30
C THR A 198 38.79 2.41 -13.77
N ASN A 199 39.33 1.76 -14.80
CA ASN A 199 38.73 0.54 -15.34
C ASN A 199 38.99 -0.66 -14.44
N LYS A 200 37.90 -1.29 -14.00
CA LYS A 200 37.99 -2.43 -13.09
C LYS A 200 37.23 -3.62 -13.64
N ASN A 201 36.33 -4.16 -12.82
CA ASN A 201 35.52 -5.33 -13.18
C ASN A 201 36.39 -6.54 -13.47
N LYS A 202 37.52 -6.62 -12.78
CA LYS A 202 38.44 -7.74 -12.90
C LYS A 202 39.27 -7.89 -11.63
N LEU A 203 39.81 -9.07 -11.41
CA LEU A 203 40.61 -9.33 -10.22
C LEU A 203 41.75 -10.32 -10.50
N GLU A 204 42.76 -10.31 -9.64
CA GLU A 204 43.92 -11.17 -9.82
C GLU A 204 44.00 -12.23 -8.73
N VAL A 205 44.11 -13.48 -9.15
CA VAL A 205 44.24 -14.59 -8.21
C VAL A 205 45.61 -15.25 -8.34
N THR A 206 46.34 -15.30 -7.23
CA THR A 206 47.65 -15.95 -7.19
C THR A 206 47.55 -17.28 -6.45
N VAL A 207 48.20 -18.30 -6.99
CA VAL A 207 48.16 -19.63 -6.38
C VAL A 207 49.56 -20.07 -5.96
N GLN A 208 49.78 -20.17 -4.66
CA GLN A 208 51.10 -20.51 -4.13
C GLN A 208 51.19 -21.98 -3.77
N SER A 209 52.01 -22.72 -4.52
CA SER A 209 52.27 -24.12 -4.22
C SER A 209 53.33 -24.24 -3.14
N HIS A 210 53.06 -25.07 -2.14
CA HIS A 210 54.00 -25.26 -1.03
C HIS A 210 55.05 -26.31 -1.35
N ARG A 211 55.97 -26.51 -0.42
CA ARG A 211 57.10 -27.43 -0.61
C ARG A 211 56.63 -28.84 -0.95
N GLU A 212 56.07 -29.52 0.04
CA GLU A 212 55.61 -30.90 -0.14
C GLU A 212 54.23 -30.93 -0.79
N SER A 213 54.17 -30.56 -2.06
CA SER A 213 52.90 -30.49 -2.77
C SER A 213 53.06 -30.72 -4.27
N CYS A 214 51.99 -30.44 -5.01
CA CYS A 214 51.99 -30.61 -6.45
C CYS A 214 52.77 -29.49 -7.14
N ASP A 215 53.56 -29.85 -8.14
CA ASP A 215 54.31 -28.87 -8.91
C ASP A 215 53.40 -28.06 -9.85
N THR A 216 52.21 -28.60 -10.11
CA THR A 216 51.26 -27.92 -10.99
C THR A 216 49.98 -27.58 -10.26
N LEU A 217 50.10 -27.20 -8.99
CA LEU A 217 48.93 -26.79 -8.23
C LEU A 217 48.40 -25.46 -8.75
N ASP A 218 47.15 -25.47 -9.19
CA ASP A 218 46.56 -24.28 -9.81
C ASP A 218 45.03 -24.34 -9.76
N ILE A 219 44.38 -23.28 -10.21
CA ILE A 219 42.95 -23.26 -10.36
C ILE A 219 42.60 -23.42 -11.83
N SER A 220 41.50 -24.11 -12.12
CA SER A 220 41.08 -24.32 -13.50
C SER A 220 40.56 -23.02 -14.10
N VAL A 221 41.21 -22.56 -15.16
CA VAL A 221 40.87 -21.29 -15.79
C VAL A 221 40.89 -21.42 -17.32
N PRO A 222 40.27 -20.45 -18.02
CA PRO A 222 40.44 -20.39 -19.47
C PRO A 222 41.91 -20.30 -19.87
N PRO A 223 42.26 -20.80 -21.08
CA PRO A 223 41.39 -21.34 -22.12
C PRO A 223 40.92 -22.78 -21.88
N GLY A 224 40.99 -23.25 -20.64
CA GLY A 224 40.42 -24.52 -20.27
C GLY A 224 38.91 -24.46 -20.40
N SER A 225 38.26 -25.62 -20.50
CA SER A 225 36.82 -25.66 -20.72
C SER A 225 36.03 -26.25 -19.56
N LYS A 226 36.74 -26.77 -18.55
CA LYS A 226 36.07 -27.43 -17.44
C LYS A 226 36.33 -26.75 -16.10
N ASN A 227 35.28 -26.70 -15.27
CA ASN A 227 35.37 -26.14 -13.92
C ASN A 227 35.93 -24.73 -13.89
N LEU A 228 35.40 -23.88 -14.77
CA LEU A 228 35.88 -22.50 -14.89
C LEU A 228 35.32 -21.61 -13.79
N PRO A 229 36.07 -20.56 -13.41
CA PRO A 229 35.64 -19.63 -12.36
C PRO A 229 34.36 -18.90 -12.72
N PHE A 230 33.56 -18.57 -11.72
CA PHE A 230 32.35 -17.79 -11.93
C PHE A 230 31.94 -17.05 -10.66
N PHE A 231 31.21 -15.95 -10.84
CA PHE A 231 30.73 -15.15 -9.71
C PHE A 231 29.32 -15.51 -9.28
N VAL A 232 29.06 -15.40 -7.98
CA VAL A 232 27.72 -15.55 -7.44
C VAL A 232 27.37 -14.31 -6.63
N VAL A 233 26.54 -13.46 -7.19
CA VAL A 233 26.21 -12.18 -6.55
C VAL A 233 24.85 -12.21 -5.87
N PHE A 234 24.84 -11.93 -4.57
CA PHE A 234 23.61 -11.88 -3.80
C PHE A 234 23.17 -10.43 -3.66
N SER A 235 21.90 -10.16 -3.92
CA SER A 235 21.42 -8.79 -3.98
C SER A 235 19.99 -8.62 -3.49
N ASN A 236 19.69 -7.42 -3.00
CA ASN A 236 18.34 -7.03 -2.65
C ASN A 236 17.98 -5.70 -3.30
N ASP A 237 16.73 -5.27 -3.15
CA ASP A 237 16.26 -4.05 -3.80
C ASP A 237 16.22 -2.89 -2.82
N ARG A 238 16.69 -1.72 -3.27
CA ARG A 238 16.73 -0.53 -2.43
C ARG A 238 15.32 -0.06 -2.08
N SER A 239 14.40 -0.24 -3.01
CA SER A 239 13.00 0.17 -2.80
C SER A 239 12.21 -0.96 -2.16
N ASN A 240 12.93 -1.95 -1.63
CA ASN A 240 12.34 -3.08 -0.90
C ASN A 240 11.39 -3.90 -1.77
N GLY A 241 11.72 -4.03 -3.06
CA GLY A 241 10.96 -4.87 -3.96
C GLY A 241 9.98 -4.12 -4.83
N THR A 242 9.83 -2.82 -4.58
CA THR A 242 8.90 -2.00 -5.35
C THR A 242 9.36 -1.83 -6.80
N LYS A 243 10.51 -1.19 -6.97
CA LYS A 243 11.08 -0.96 -8.31
C LYS A 243 11.47 -2.29 -8.98
N GLU A 244 11.74 -3.30 -8.16
CA GLU A 244 12.11 -4.60 -8.68
C GLU A 244 10.98 -5.25 -9.46
N THR A 245 9.81 -5.36 -8.83
CA THR A 245 8.66 -5.99 -9.44
C THR A 245 8.10 -5.17 -10.61
N ARG A 246 8.37 -3.87 -10.60
CA ARG A 246 7.98 -2.99 -11.70
C ARG A 246 8.71 -3.39 -12.98
N LEU A 247 10.02 -3.60 -12.86
CA LEU A 247 10.85 -3.97 -14.00
C LEU A 247 10.66 -5.43 -14.39
N GLU A 248 10.38 -6.27 -13.39
CA GLU A 248 10.07 -7.68 -13.64
C GLU A 248 8.85 -7.80 -14.54
N LEU A 249 7.87 -6.94 -14.30
CA LEU A 249 6.66 -6.89 -15.11
C LEU A 249 6.98 -6.53 -16.55
N LYS A 250 7.75 -5.45 -16.74
CA LYS A 250 8.14 -5.00 -18.07
C LYS A 250 8.94 -6.09 -18.79
N GLU A 251 9.78 -6.78 -18.03
CA GLU A 251 10.55 -7.91 -18.57
C GLU A 251 9.63 -8.99 -19.09
N MET A 252 8.63 -9.34 -18.29
CA MET A 252 7.69 -10.40 -18.63
C MET A 252 6.85 -10.05 -19.86
N ILE A 253 6.49 -8.78 -19.99
CA ILE A 253 5.74 -8.29 -21.15
C ILE A 253 6.57 -8.45 -22.43
N GLY A 254 7.87 -8.22 -22.33
CA GLY A 254 8.78 -8.47 -23.43
C GLY A 254 8.83 -9.95 -23.79
N HIS A 255 8.86 -10.79 -22.77
CA HIS A 255 8.88 -12.24 -22.95
C HIS A 255 7.48 -12.80 -23.22
N GLU A 256 6.46 -11.96 -23.11
CA GLU A 256 5.08 -12.38 -23.33
C GLU A 256 4.81 -12.71 -24.80
N GLN A 257 5.15 -11.79 -25.69
CA GLN A 257 4.90 -12.01 -27.11
C GLN A 257 6.07 -12.74 -27.77
N GLU B 61 -34.71 17.38 7.80
CA GLU B 61 -34.07 16.91 9.02
C GLU B 61 -32.56 17.13 9.02
N PRO B 62 -31.84 16.79 7.92
CA PRO B 62 -30.43 17.18 7.95
C PRO B 62 -30.28 18.69 7.80
N PRO B 63 -29.60 19.34 8.76
CA PRO B 63 -29.43 20.79 8.76
C PRO B 63 -28.86 21.31 7.44
N GLN B 64 -29.29 22.49 7.02
CA GLN B 64 -28.80 23.06 5.78
C GLN B 64 -27.35 23.50 5.92
N TYR B 65 -26.87 23.56 7.16
CA TYR B 65 -25.47 23.82 7.43
C TYR B 65 -24.61 22.71 6.87
N MET B 66 -25.06 21.47 7.05
CA MET B 66 -24.39 20.30 6.50
C MET B 66 -24.45 20.30 4.98
N ILE B 67 -25.60 20.69 4.44
CA ILE B 67 -25.80 20.76 3.00
C ILE B 67 -24.91 21.84 2.39
N ASP B 68 -24.83 22.98 3.07
CA ASP B 68 -23.98 24.08 2.61
C ASP B 68 -22.49 23.70 2.69
N LEU B 69 -22.13 22.91 3.69
CA LEU B 69 -20.77 22.41 3.81
C LEU B 69 -20.41 21.50 2.64
N TYR B 70 -21.38 20.69 2.21
CA TYR B 70 -21.19 19.85 1.03
C TYR B 70 -20.95 20.72 -0.20
N ASN B 71 -21.83 21.71 -0.39
CA ASN B 71 -21.72 22.61 -1.53
C ASN B 71 -20.42 23.40 -1.50
N ARG B 72 -19.98 23.77 -0.31
CA ARG B 72 -18.70 24.45 -0.15
C ARG B 72 -17.55 23.56 -0.57
N TYR B 73 -17.59 22.30 -0.11
CA TYR B 73 -16.53 21.34 -0.39
C TYR B 73 -16.49 20.95 -1.88
N THR B 74 -17.67 20.83 -2.49
CA THR B 74 -17.76 20.36 -3.86
C THR B 74 -17.53 21.45 -4.91
N THR B 75 -17.95 22.67 -4.62
CA THR B 75 -17.75 23.77 -5.56
C THR B 75 -16.33 24.31 -5.45
N ASP B 76 -15.71 24.11 -4.28
CA ASP B 76 -14.33 24.50 -4.08
C ASP B 76 -13.45 23.26 -3.89
N LYS B 77 -13.31 22.46 -4.94
CA LYS B 77 -12.48 21.27 -4.91
C LYS B 77 -11.00 21.63 -4.89
N SER B 78 -10.69 22.84 -5.35
CA SER B 78 -9.31 23.31 -5.38
C SER B 78 -8.80 23.66 -3.98
N SER B 79 -9.73 23.81 -3.05
CA SER B 79 -9.38 24.14 -1.67
C SER B 79 -9.87 23.06 -0.72
N THR B 80 -8.98 22.14 -0.39
CA THR B 80 -9.32 21.03 0.51
C THR B 80 -9.48 21.51 1.94
N PRO B 81 -10.55 21.07 2.62
CA PRO B 81 -10.80 21.42 4.02
C PRO B 81 -9.83 20.73 4.97
N ALA B 82 -9.70 21.25 6.17
CA ALA B 82 -8.77 20.70 7.16
C ALA B 82 -9.29 19.37 7.71
N SER B 83 -10.60 19.21 7.73
CA SER B 83 -11.21 18.00 8.26
C SER B 83 -12.05 17.29 7.20
N ASN B 84 -11.91 15.97 7.12
CA ASN B 84 -12.65 15.18 6.16
C ASN B 84 -14.05 14.80 6.64
N ILE B 85 -14.13 14.26 7.85
CA ILE B 85 -15.40 13.79 8.39
C ILE B 85 -16.13 14.89 9.17
N VAL B 86 -17.39 15.11 8.81
CA VAL B 86 -18.23 16.07 9.51
C VAL B 86 -19.55 15.44 9.90
N ARG B 87 -19.94 15.58 11.17
CA ARG B 87 -21.20 15.01 11.64
C ARG B 87 -22.05 16.08 12.34
N SER B 88 -23.37 15.95 12.20
CA SER B 88 -24.31 16.87 12.85
C SER B 88 -25.09 16.17 13.96
N PHE B 89 -25.05 16.76 15.16
CA PHE B 89 -25.77 16.19 16.29
C PHE B 89 -26.75 17.19 16.88
N SER B 90 -28.04 16.95 16.68
CA SER B 90 -29.08 17.82 17.23
C SER B 90 -29.21 17.57 18.73
N VAL B 91 -29.69 18.58 19.45
CA VAL B 91 -29.86 18.48 20.90
C VAL B 91 -30.89 17.40 21.26
N GLU B 92 -30.53 16.55 22.23
CA GLU B 92 -31.40 15.46 22.65
C GLU B 92 -32.42 15.92 23.68
N ASP B 93 -31.96 16.71 24.64
CA ASP B 93 -32.83 17.23 25.68
C ASP B 93 -32.31 18.57 26.19
N ALA B 94 -33.21 19.37 26.76
CA ALA B 94 -32.84 20.70 27.24
C ALA B 94 -33.52 21.00 28.57
N ILE B 95 -32.72 21.45 29.54
CA ILE B 95 -33.25 21.85 30.83
C ILE B 95 -33.09 23.36 30.97
N SER B 96 -34.23 24.06 31.00
CA SER B 96 -34.20 25.52 30.98
C SER B 96 -34.66 26.12 32.30
N THR B 97 -33.87 27.05 32.82
CA THR B 97 -34.23 27.79 34.02
C THR B 97 -34.22 29.29 33.71
N ALA B 98 -35.33 29.95 33.99
CA ALA B 98 -35.43 31.38 33.72
C ALA B 98 -34.53 32.16 34.65
N ALA B 99 -34.25 33.42 34.29
CA ALA B 99 -33.41 34.28 35.11
C ALA B 99 -34.06 34.54 36.46
N THR B 100 -33.24 34.56 37.50
CA THR B 100 -33.71 34.86 38.84
C THR B 100 -32.96 36.06 39.39
N GLU B 101 -33.41 36.59 40.52
CA GLU B 101 -32.75 37.73 41.14
C GLU B 101 -31.35 37.34 41.61
N ASP B 102 -31.22 36.11 42.11
CA ASP B 102 -29.93 35.59 42.54
C ASP B 102 -28.99 35.37 41.36
N PHE B 103 -29.53 34.83 40.27
CA PHE B 103 -28.75 34.59 39.06
C PHE B 103 -29.45 35.21 37.85
N PRO B 104 -29.15 36.48 37.57
CA PRO B 104 -29.82 37.27 36.52
C PRO B 104 -29.40 36.89 35.10
N PHE B 105 -29.74 35.68 34.69
CA PHE B 105 -29.47 35.21 33.32
C PHE B 105 -30.21 33.91 33.05
N GLN B 106 -30.44 33.62 31.77
CA GLN B 106 -31.12 32.40 31.37
C GLN B 106 -30.16 31.23 31.46
N LYS B 107 -30.63 30.11 32.03
CA LYS B 107 -29.79 28.93 32.17
C LYS B 107 -30.33 27.77 31.34
N HIS B 108 -29.44 27.16 30.55
CA HIS B 108 -29.82 26.01 29.74
C HIS B 108 -28.78 24.90 29.83
N ILE B 109 -29.22 23.71 30.24
CA ILE B 109 -28.37 22.53 30.15
C ILE B 109 -28.77 21.72 28.93
N LEU B 110 -27.87 21.64 27.97
CA LEU B 110 -28.15 20.97 26.71
C LEU B 110 -27.56 19.58 26.69
N ILE B 111 -28.43 18.57 26.69
CA ILE B 111 -27.99 17.18 26.68
C ILE B 111 -27.90 16.65 25.25
N PHE B 112 -26.73 16.13 24.90
CA PHE B 112 -26.52 15.57 23.57
C PHE B 112 -26.19 14.09 23.66
N ASN B 113 -26.09 13.44 22.49
CA ASN B 113 -25.64 12.06 22.42
C ASN B 113 -24.50 11.96 21.42
N ILE B 114 -23.44 12.72 21.68
CA ILE B 114 -22.27 12.73 20.80
C ILE B 114 -21.56 11.39 20.87
N SER B 115 -21.45 10.72 19.73
CA SER B 115 -20.76 9.44 19.68
C SER B 115 -19.86 9.34 18.47
N ILE B 116 -18.58 9.59 18.68
CA ILE B 116 -17.58 9.48 17.62
C ILE B 116 -16.78 8.21 17.82
N PRO B 117 -16.65 7.40 16.76
CA PRO B 117 -15.89 6.14 16.82
C PRO B 117 -14.50 6.33 17.41
N ARG B 118 -14.05 5.35 18.20
CA ARG B 118 -12.79 5.45 18.92
C ARG B 118 -11.58 5.61 18.00
N HIS B 119 -11.63 4.98 16.83
CA HIS B 119 -10.53 5.00 15.88
C HIS B 119 -10.40 6.34 15.16
N GLU B 120 -11.33 7.25 15.42
CA GLU B 120 -11.31 8.56 14.77
C GLU B 120 -10.72 9.64 15.68
N GLN B 121 -10.05 10.62 15.07
CA GLN B 121 -9.47 11.74 15.81
C GLN B 121 -10.16 13.05 15.41
N ILE B 122 -11.01 13.55 16.30
CA ILE B 122 -11.74 14.79 16.02
C ILE B 122 -10.82 15.99 16.12
N THR B 123 -11.12 17.03 15.34
CA THR B 123 -10.27 18.21 15.26
C THR B 123 -10.97 19.45 15.77
N ARG B 124 -12.24 19.60 15.42
CA ARG B 124 -13.01 20.77 15.84
C ARG B 124 -14.46 20.39 16.16
N ALA B 125 -15.05 21.12 17.11
CA ALA B 125 -16.47 20.96 17.42
C ALA B 125 -17.14 22.32 17.50
N GLU B 126 -18.31 22.44 16.89
CA GLU B 126 -19.06 23.69 16.90
C GLU B 126 -20.43 23.53 17.55
N LEU B 127 -20.76 24.46 18.44
CA LEU B 127 -22.09 24.50 19.03
C LEU B 127 -22.89 25.63 18.40
N ARG B 128 -23.93 25.25 17.66
CA ARG B 128 -24.72 26.23 16.92
C ARG B 128 -25.99 26.58 17.69
N LEU B 129 -26.09 27.85 18.09
CA LEU B 129 -27.22 28.32 18.89
C LEU B 129 -27.97 29.43 18.16
N TYR B 130 -29.28 29.47 18.36
CA TYR B 130 -30.08 30.54 17.77
C TYR B 130 -30.43 31.60 18.82
N VAL B 131 -29.71 32.71 18.79
CA VAL B 131 -29.94 33.81 19.72
C VAL B 131 -31.11 34.68 19.26
N SER B 132 -32.08 34.89 20.14
CA SER B 132 -33.26 35.67 19.80
C SER B 132 -33.98 36.24 21.03
N CYS B 133 -34.43 37.48 20.91
CA CYS B 133 -35.30 38.09 21.91
C CYS B 133 -36.71 37.54 21.70
N GLN B 134 -37.23 36.82 22.68
CA GLN B 134 -38.43 36.02 22.50
C GLN B 134 -39.70 36.86 22.35
N ASN B 135 -39.77 37.59 21.23
CA ASN B 135 -40.97 38.34 20.85
C ASN B 135 -41.58 39.18 21.96
N ASP B 136 -40.73 39.83 22.74
CA ASP B 136 -41.18 40.69 23.82
C ASP B 136 -41.65 42.03 23.26
N VAL B 137 -42.64 42.63 23.90
CA VAL B 137 -43.04 43.98 23.53
C VAL B 137 -41.97 44.96 24.04
N ASP B 138 -41.76 46.03 23.29
CA ASP B 138 -40.71 47.03 23.56
C ASP B 138 -39.32 46.41 23.38
N SER B 139 -39.26 45.34 22.58
CA SER B 139 -37.98 44.70 22.27
C SER B 139 -37.18 45.55 21.28
N THR B 140 -37.86 46.53 20.69
CA THR B 140 -37.23 47.43 19.73
C THR B 140 -36.33 48.45 20.42
N HIS B 141 -36.31 48.40 21.74
CA HIS B 141 -35.48 49.29 22.54
C HIS B 141 -34.01 48.85 22.47
N GLY B 142 -33.79 47.70 21.83
CA GLY B 142 -32.45 47.19 21.63
C GLY B 142 -32.32 45.70 21.89
N LEU B 143 -31.28 45.10 21.33
CA LEU B 143 -31.00 43.68 21.50
C LEU B 143 -29.49 43.48 21.56
N GLU B 144 -28.94 43.42 22.76
CA GLU B 144 -27.50 43.28 22.94
C GLU B 144 -27.18 42.65 24.29
N GLY B 145 -26.24 41.70 24.29
CA GLY B 145 -25.87 41.00 25.51
C GLY B 145 -24.70 40.06 25.30
N SER B 146 -24.62 39.04 26.16
CA SER B 146 -23.56 38.04 26.05
C SER B 146 -24.05 36.67 26.51
N MET B 147 -23.33 35.62 26.12
CA MET B 147 -23.67 34.27 26.53
C MET B 147 -22.42 33.45 26.79
N VAL B 148 -22.52 32.50 27.73
CA VAL B 148 -21.38 31.67 28.10
C VAL B 148 -21.78 30.20 28.16
N VAL B 149 -20.95 29.34 27.57
CA VAL B 149 -21.20 27.90 27.60
C VAL B 149 -20.16 27.20 28.47
N TYR B 150 -20.62 26.32 29.35
CA TYR B 150 -19.74 25.56 30.23
C TYR B 150 -19.85 24.07 29.91
N ASP B 151 -18.72 23.37 29.93
CA ASP B 151 -18.76 21.92 29.86
C ASP B 151 -19.08 21.37 31.23
N VAL B 152 -20.25 20.73 31.35
CA VAL B 152 -20.68 20.20 32.64
C VAL B 152 -19.95 18.90 32.98
N LEU B 153 -19.25 18.92 34.10
CA LEU B 153 -18.52 17.73 34.56
C LEU B 153 -19.39 16.95 35.52
N GLU B 154 -19.69 17.56 36.66
CA GLU B 154 -20.60 16.98 37.63
C GLU B 154 -21.86 17.82 37.69
N ASP B 155 -23.00 17.18 37.45
CA ASP B 155 -24.29 17.87 37.54
C ASP B 155 -24.97 17.63 38.89
N SER B 156 -26.15 18.22 39.05
CA SER B 156 -26.94 18.06 40.27
C SER B 156 -28.38 18.42 40.00
N GLU B 157 -29.29 17.51 40.35
CA GLU B 157 -30.69 17.67 40.04
C GLU B 157 -31.37 18.66 40.98
N THR B 158 -30.94 19.92 40.93
CA THR B 158 -31.55 20.98 41.72
C THR B 158 -31.81 22.20 40.84
N TRP B 159 -30.79 23.03 40.69
CA TRP B 159 -30.85 24.19 39.79
C TRP B 159 -29.81 24.08 38.69
N ASP B 160 -29.80 25.07 37.80
CA ASP B 160 -28.75 25.17 36.80
C ASP B 160 -27.84 26.34 37.18
N GLN B 161 -26.55 26.20 36.87
CA GLN B 161 -25.52 27.17 37.26
C GLN B 161 -25.30 27.23 38.78
N ALA B 162 -26.41 27.27 39.54
CA ALA B 162 -26.36 27.36 40.99
C ALA B 162 -25.86 26.07 41.67
N THR B 163 -25.45 25.08 40.87
CA THR B 163 -24.96 23.81 41.42
C THR B 163 -23.96 23.13 40.50
N GLY B 164 -23.45 21.99 40.96
CA GLY B 164 -22.57 21.16 40.17
C GLY B 164 -21.18 21.73 39.88
N THR B 165 -20.44 21.02 39.05
CA THR B 165 -19.08 21.41 38.67
C THR B 165 -19.00 21.68 37.17
N LYS B 166 -18.48 22.84 36.80
CA LYS B 166 -18.42 23.21 35.39
C LYS B 166 -17.01 23.63 34.99
N THR B 167 -16.66 23.39 33.73
CA THR B 167 -15.39 23.87 33.21
C THR B 167 -15.71 24.75 32.01
N PHE B 168 -15.29 26.01 32.10
CA PHE B 168 -15.73 27.05 31.17
C PHE B 168 -15.15 26.84 29.78
N LEU B 169 -16.01 26.95 28.77
CA LEU B 169 -15.61 26.76 27.39
C LEU B 169 -15.45 28.07 26.61
N VAL B 170 -16.56 28.76 26.36
CA VAL B 170 -16.54 29.95 25.51
C VAL B 170 -17.38 31.10 26.05
N SER B 171 -16.82 32.30 25.99
CA SER B 171 -17.57 33.51 26.28
C SER B 171 -17.88 34.23 24.97
N GLN B 172 -19.16 34.51 24.72
CA GLN B 172 -19.58 35.09 23.45
C GLN B 172 -20.47 36.31 23.62
N ASP B 173 -20.04 37.43 23.05
CA ASP B 173 -20.86 38.63 23.01
C ASP B 173 -21.81 38.54 21.80
N ILE B 174 -23.06 38.91 22.00
CA ILE B 174 -24.07 38.77 20.96
C ILE B 174 -24.72 40.10 20.59
N ARG B 175 -25.12 40.22 19.33
CA ARG B 175 -25.75 41.43 18.81
C ARG B 175 -26.90 41.08 17.88
N ASP B 176 -26.58 40.41 16.78
CA ASP B 176 -27.58 40.02 15.79
C ASP B 176 -28.45 38.86 16.26
N GLU B 177 -29.73 38.92 15.95
CA GLU B 177 -30.60 37.76 16.09
C GLU B 177 -30.22 36.76 15.00
N GLY B 178 -29.93 35.53 15.40
CA GLY B 178 -29.49 34.52 14.45
C GLY B 178 -28.59 33.46 15.04
N TRP B 179 -27.94 32.70 14.16
CA TRP B 179 -27.11 31.58 14.58
C TRP B 179 -25.71 32.02 14.98
N GLU B 180 -25.25 31.50 16.13
CA GLU B 180 -23.91 31.74 16.61
C GLU B 180 -23.09 30.45 16.64
N THR B 181 -21.79 30.56 16.39
CA THR B 181 -20.92 29.39 16.41
C THR B 181 -19.93 29.47 17.58
N LEU B 182 -19.97 28.46 18.44
CA LEU B 182 -19.12 28.43 19.62
C LEU B 182 -18.07 27.31 19.52
N GLU B 183 -16.80 27.69 19.65
CA GLU B 183 -15.71 26.72 19.55
C GLU B 183 -15.59 25.89 20.83
N VAL B 184 -16.31 24.78 20.86
CA VAL B 184 -16.35 23.93 22.05
C VAL B 184 -15.68 22.58 21.81
N SER B 185 -14.56 22.60 21.09
CA SER B 185 -13.80 21.41 20.78
C SER B 185 -13.41 20.61 22.03
N SER B 186 -12.90 21.32 23.04
CA SER B 186 -12.44 20.71 24.28
C SER B 186 -13.46 19.76 24.92
N ALA B 187 -14.71 20.21 25.00
CA ALA B 187 -15.75 19.44 25.67
C ALA B 187 -16.01 18.09 25.00
N VAL B 188 -16.11 18.10 23.68
CA VAL B 188 -16.39 16.87 22.92
C VAL B 188 -15.21 15.91 23.01
N LYS B 189 -14.00 16.45 22.95
CA LYS B 189 -12.78 15.66 23.10
C LYS B 189 -12.77 14.94 24.44
N ARG B 190 -13.24 15.62 25.47
CA ARG B 190 -13.37 15.02 26.79
C ARG B 190 -14.49 13.98 26.81
N TRP B 191 -15.53 14.23 26.03
CA TRP B 191 -16.67 13.32 25.95
C TRP B 191 -16.32 12.03 25.23
N VAL B 192 -15.46 12.12 24.23
CA VAL B 192 -15.02 10.95 23.47
C VAL B 192 -14.29 9.97 24.39
N ARG B 193 -13.28 10.47 25.09
CA ARG B 193 -12.64 9.68 26.13
C ARG B 193 -13.45 9.79 27.41
N ALA B 194 -14.62 9.17 27.42
CA ALA B 194 -15.53 9.21 28.56
C ALA B 194 -14.89 8.56 29.80
N ASP B 195 -14.32 7.39 29.61
CA ASP B 195 -13.73 6.60 30.68
C ASP B 195 -14.70 6.38 31.84
N SER B 196 -15.99 6.25 31.51
CA SER B 196 -17.05 6.09 32.51
C SER B 196 -16.97 7.19 33.56
N THR B 197 -16.67 6.79 34.80
CA THR B 197 -16.52 7.70 35.94
C THR B 197 -17.61 8.78 35.99
N THR B 198 -17.22 10.02 35.74
CA THR B 198 -18.15 11.14 35.78
C THR B 198 -19.02 11.18 34.52
N ASN B 199 -20.34 11.22 34.73
CA ASN B 199 -21.27 11.28 33.62
C ASN B 199 -21.28 12.67 32.98
N LYS B 200 -20.96 12.73 31.70
CA LYS B 200 -20.88 14.00 30.99
C LYS B 200 -21.75 14.00 29.73
N ASN B 201 -21.13 14.34 28.60
CA ASN B 201 -21.81 14.41 27.31
C ASN B 201 -22.95 15.43 27.33
N LYS B 202 -22.76 16.49 28.11
CA LYS B 202 -23.73 17.58 28.21
C LYS B 202 -23.02 18.86 28.60
N LEU B 203 -23.65 20.00 28.32
CA LEU B 203 -23.06 21.29 28.64
C LEU B 203 -24.12 22.32 29.04
N GLU B 204 -23.67 23.36 29.74
CA GLU B 204 -24.58 24.39 30.21
C GLU B 204 -24.33 25.73 29.51
N VAL B 205 -25.41 26.31 28.96
CA VAL B 205 -25.31 27.60 28.30
C VAL B 205 -26.09 28.67 29.07
N THR B 206 -25.40 29.73 29.45
CA THR B 206 -26.04 30.85 30.14
C THR B 206 -26.14 32.05 29.21
N VAL B 207 -27.28 32.74 29.24
CA VAL B 207 -27.50 33.89 28.37
C VAL B 207 -27.72 35.15 29.19
N GLN B 208 -26.75 36.06 29.13
CA GLN B 208 -26.80 37.28 29.92
C GLN B 208 -27.29 38.48 29.11
N SER B 209 -28.46 38.99 29.47
CA SER B 209 -28.99 40.19 28.83
C SER B 209 -28.40 41.45 29.47
N HIS B 210 -27.97 42.39 28.63
CA HIS B 210 -27.37 43.63 29.12
C HIS B 210 -28.44 44.66 29.43
N ARG B 211 -28.02 45.82 29.91
CA ARG B 211 -28.93 46.87 30.35
C ARG B 211 -29.97 47.27 29.30
N GLU B 212 -29.52 47.95 28.24
CA GLU B 212 -30.45 48.41 27.22
C GLU B 212 -30.79 47.31 26.23
N SER B 213 -31.49 46.29 26.72
CA SER B 213 -31.86 45.15 25.89
C SER B 213 -33.13 44.47 26.38
N CYS B 214 -33.43 43.30 25.82
CA CYS B 214 -34.61 42.53 26.18
C CYS B 214 -34.43 41.82 27.52
N ASP B 215 -35.49 41.83 28.34
CA ASP B 215 -35.47 41.10 29.60
C ASP B 215 -35.58 39.60 29.34
N THR B 216 -36.02 39.23 28.14
CA THR B 216 -36.18 37.84 27.77
C THR B 216 -35.26 37.42 26.62
N LEU B 217 -34.05 37.97 26.61
CA LEU B 217 -33.04 37.58 25.63
C LEU B 217 -32.55 36.16 25.92
N ASP B 218 -32.67 35.27 24.94
CA ASP B 218 -32.37 33.87 25.15
C ASP B 218 -32.01 33.14 23.87
N ILE B 219 -31.63 31.87 23.99
CA ILE B 219 -31.39 31.01 22.83
C ILE B 219 -32.57 30.08 22.63
N SER B 220 -32.87 29.78 21.37
CA SER B 220 -34.00 28.90 21.05
C SER B 220 -33.65 27.46 21.43
N VAL B 221 -34.45 26.89 22.32
CA VAL B 221 -34.19 25.54 22.84
C VAL B 221 -35.50 24.75 22.92
N PRO B 222 -35.40 23.41 23.06
CA PRO B 222 -36.60 22.61 23.37
C PRO B 222 -37.30 23.11 24.64
N PRO B 223 -38.61 22.88 24.75
CA PRO B 223 -39.50 22.10 23.87
C PRO B 223 -39.94 22.81 22.59
N GLY B 224 -39.24 23.86 22.19
CA GLY B 224 -39.49 24.49 20.91
C GLY B 224 -39.12 23.53 19.79
N SER B 225 -39.66 23.77 18.60
CA SER B 225 -39.44 22.86 17.48
C SER B 225 -38.63 23.52 16.36
N LYS B 226 -38.37 24.81 16.50
CA LYS B 226 -37.68 25.57 15.46
C LYS B 226 -36.38 26.17 15.96
N ASN B 227 -35.37 26.17 15.09
CA ASN B 227 -34.06 26.74 15.36
C ASN B 227 -33.40 26.17 16.62
N LEU B 228 -33.44 24.84 16.75
CA LEU B 228 -32.88 24.16 17.91
C LEU B 228 -31.38 24.02 17.82
N PRO B 229 -30.69 24.00 18.97
CA PRO B 229 -29.23 23.86 19.02
C PRO B 229 -28.76 22.53 18.41
N PHE B 230 -27.57 22.53 17.82
CA PHE B 230 -27.00 21.30 17.29
C PHE B 230 -25.48 21.37 17.24
N PHE B 231 -24.84 20.20 17.27
CA PHE B 231 -23.39 20.10 17.22
C PHE B 231 -22.89 19.83 15.80
N VAL B 232 -21.73 20.39 15.48
CA VAL B 232 -21.04 20.08 14.24
C VAL B 232 -19.63 19.62 14.54
N VAL B 233 -19.38 18.32 14.43
CA VAL B 233 -18.10 17.75 14.81
C VAL B 233 -17.23 17.45 13.60
N PHE B 234 -16.05 18.05 13.57
CA PHE B 234 -15.09 17.84 12.49
C PHE B 234 -14.04 16.83 12.92
N SER B 235 -13.79 15.83 12.08
CA SER B 235 -12.93 14.72 12.46
C SER B 235 -12.12 14.15 11.30
N ASN B 236 -10.99 13.56 11.64
CA ASN B 236 -10.19 12.79 10.69
C ASN B 236 -9.88 11.42 11.28
N ASP B 237 -9.26 10.55 10.50
CA ASP B 237 -9.01 9.19 10.96
C ASP B 237 -7.55 8.96 11.37
N ARG B 238 -7.36 8.31 12.52
CA ARG B 238 -6.03 8.03 13.04
C ARG B 238 -5.29 7.01 12.19
N SER B 239 -6.02 6.06 11.64
CA SER B 239 -5.43 5.00 10.83
C SER B 239 -5.28 5.42 9.37
N ASN B 240 -5.45 6.72 9.12
CA ASN B 240 -5.25 7.32 7.81
C ASN B 240 -6.14 6.73 6.72
N GLY B 241 -7.36 6.35 7.09
CA GLY B 241 -8.33 5.90 6.11
C GLY B 241 -8.47 4.40 5.96
N THR B 242 -7.60 3.63 6.60
CA THR B 242 -7.65 2.18 6.50
C THR B 242 -8.89 1.64 7.22
N LYS B 243 -8.94 1.83 8.53
CA LYS B 243 -10.09 1.38 9.31
C LYS B 243 -11.36 2.12 8.93
N GLU B 244 -11.19 3.34 8.41
CA GLU B 244 -12.33 4.16 8.00
C GLU B 244 -13.08 3.53 6.83
N THR B 245 -12.36 3.24 5.76
CA THR B 245 -12.96 2.67 4.55
C THR B 245 -13.44 1.24 4.76
N ARG B 246 -12.84 0.55 5.72
CA ARG B 246 -13.27 -0.81 6.07
C ARG B 246 -14.69 -0.79 6.64
N LEU B 247 -14.96 0.14 7.56
CA LEU B 247 -16.27 0.23 8.18
C LEU B 247 -17.30 0.87 7.26
N GLU B 248 -16.84 1.79 6.40
CA GLU B 248 -17.71 2.38 5.38
C GLU B 248 -18.22 1.28 4.46
N LEU B 249 -17.33 0.35 4.13
CA LEU B 249 -17.67 -0.80 3.30
C LEU B 249 -18.70 -1.70 3.97
N LYS B 250 -18.45 -2.05 5.22
CA LYS B 250 -19.34 -2.93 5.97
C LYS B 250 -20.73 -2.31 6.12
N GLU B 251 -20.77 -1.00 6.35
CA GLU B 251 -22.02 -0.27 6.41
C GLU B 251 -22.75 -0.30 5.08
N MET B 252 -22.02 -0.07 4.00
CA MET B 252 -22.58 -0.02 2.65
C MET B 252 -23.16 -1.36 2.23
N ILE B 253 -22.54 -2.45 2.65
CA ILE B 253 -23.04 -3.79 2.37
C ILE B 253 -24.42 -3.93 3.04
N GLY B 254 -24.56 -3.32 4.21
CA GLY B 254 -25.85 -3.24 4.88
C GLY B 254 -26.84 -2.43 4.06
N HIS B 255 -26.38 -1.34 3.46
CA HIS B 255 -27.24 -0.50 2.64
C HIS B 255 -27.43 -1.10 1.24
N GLU B 256 -26.67 -2.14 0.94
CA GLU B 256 -26.77 -2.81 -0.35
C GLU B 256 -28.06 -3.61 -0.42
N GLN B 257 -28.31 -4.40 0.61
CA GLN B 257 -29.49 -5.25 0.70
C GLN B 257 -30.67 -4.49 1.31
N GLU B 258 -30.49 -3.20 1.52
CA GLU B 258 -31.51 -2.35 2.14
C GLU B 258 -32.79 -2.30 1.32
N GLY C 5 -19.51 -20.12 -12.77
CA GLY C 5 -20.67 -19.25 -12.74
C GLY C 5 -21.52 -19.45 -11.52
N SER C 6 -20.88 -19.53 -10.35
CA SER C 6 -21.58 -19.71 -9.10
C SER C 6 -21.22 -18.63 -8.08
N HIS C 7 -20.07 -18.80 -7.45
CA HIS C 7 -19.59 -17.84 -6.46
C HIS C 7 -18.12 -17.55 -6.67
N CYS C 8 -17.76 -16.26 -6.68
CA CYS C 8 -16.37 -15.85 -6.85
C CYS C 8 -15.47 -16.51 -5.82
N GLN C 9 -14.59 -17.41 -6.28
CA GLN C 9 -13.74 -18.17 -5.39
C GLN C 9 -12.45 -18.61 -6.08
N LYS C 10 -11.45 -18.97 -5.29
CA LYS C 10 -10.17 -19.43 -5.83
C LYS C 10 -10.24 -20.91 -6.22
N THR C 11 -9.81 -21.22 -7.42
CA THR C 11 -9.77 -22.60 -7.91
C THR C 11 -8.36 -23.00 -8.31
N SER C 12 -8.13 -24.30 -8.45
CA SER C 12 -6.82 -24.82 -8.81
C SER C 12 -6.47 -24.55 -10.26
N LEU C 13 -5.22 -24.16 -10.51
CA LEU C 13 -4.74 -23.94 -11.87
C LEU C 13 -3.25 -24.26 -11.99
N ARG C 14 -2.94 -25.43 -12.54
CA ARG C 14 -1.56 -25.86 -12.74
C ARG C 14 -1.02 -25.33 -14.06
N VAL C 15 0.04 -24.54 -13.99
CA VAL C 15 0.61 -23.92 -15.19
C VAL C 15 1.98 -24.49 -15.53
N ASN C 16 2.09 -25.11 -16.71
CA ASN C 16 3.37 -25.61 -17.18
C ASN C 16 3.99 -24.61 -18.14
N PHE C 17 5.20 -24.15 -17.82
CA PHE C 17 5.87 -23.12 -18.61
C PHE C 17 6.22 -23.62 -20.02
N GLU C 18 6.40 -24.92 -20.17
CA GLU C 18 6.65 -25.53 -21.47
C GLU C 18 5.45 -25.31 -22.39
N ASP C 19 4.26 -25.47 -21.84
CA ASP C 19 3.02 -25.31 -22.61
C ASP C 19 2.85 -23.90 -23.16
N ILE C 20 3.23 -22.90 -22.36
CA ILE C 20 3.06 -21.52 -22.76
C ILE C 20 4.35 -20.94 -23.34
N GLY C 21 5.34 -21.81 -23.53
CA GLY C 21 6.57 -21.42 -24.21
C GLY C 21 7.53 -20.59 -23.38
N TRP C 22 7.35 -20.61 -22.07
CA TRP C 22 8.23 -19.86 -21.17
C TRP C 22 9.41 -20.70 -20.70
N ASP C 23 9.54 -21.90 -21.26
CA ASP C 23 10.67 -22.76 -20.94
C ASP C 23 11.96 -22.27 -21.57
N SER C 24 11.83 -21.22 -22.38
CA SER C 24 12.98 -20.63 -23.06
C SER C 24 13.82 -19.76 -22.13
N TRP C 25 13.23 -19.31 -21.02
CA TRP C 25 13.95 -18.46 -20.07
C TRP C 25 13.72 -18.88 -18.63
N ILE C 26 12.57 -19.48 -18.33
CA ILE C 26 12.32 -20.02 -17.00
C ILE C 26 13.01 -21.35 -16.81
N ILE C 27 13.96 -21.41 -15.87
CA ILE C 27 14.71 -22.63 -15.60
C ILE C 27 14.00 -23.51 -14.58
N ALA C 28 13.50 -22.89 -13.51
CA ALA C 28 12.78 -23.61 -12.47
C ALA C 28 11.74 -22.71 -11.80
N PRO C 29 10.58 -23.28 -11.45
CA PRO C 29 10.18 -24.66 -11.69
C PRO C 29 9.66 -24.89 -13.11
N LYS C 30 9.38 -26.14 -13.45
CA LYS C 30 8.78 -26.46 -14.74
C LYS C 30 7.29 -26.14 -14.73
N GLU C 31 6.64 -26.43 -13.61
CA GLU C 31 5.23 -26.08 -13.43
C GLU C 31 4.94 -25.70 -11.98
N TYR C 32 3.90 -24.89 -11.78
CA TYR C 32 3.54 -24.43 -10.46
C TYR C 32 2.04 -24.17 -10.34
N GLU C 33 1.56 -24.06 -9.10
CA GLU C 33 0.14 -23.77 -8.86
C GLU C 33 -0.11 -22.27 -8.85
N ALA C 34 -0.73 -21.78 -9.93
CA ALA C 34 -0.98 -20.35 -10.09
C ALA C 34 -2.35 -19.95 -9.56
N TYR C 35 -3.26 -20.92 -9.50
CA TYR C 35 -4.65 -20.71 -9.09
C TYR C 35 -5.42 -19.82 -10.06
N GLU C 36 -6.73 -19.83 -9.94
CA GLU C 36 -7.60 -19.03 -10.80
C GLU C 36 -8.84 -18.61 -10.03
N CYS C 37 -9.37 -17.43 -10.33
CA CYS C 37 -10.61 -16.97 -9.73
C CYS C 37 -11.79 -17.27 -10.64
N LYS C 38 -12.65 -18.17 -10.19
CA LYS C 38 -13.84 -18.56 -10.96
C LYS C 38 -15.10 -18.27 -10.17
N GLY C 39 -16.21 -18.09 -10.89
CA GLY C 39 -17.47 -17.77 -10.27
C GLY C 39 -17.90 -16.37 -10.61
N GLY C 40 -19.15 -16.04 -10.33
CA GLY C 40 -19.67 -14.72 -10.65
C GLY C 40 -19.88 -13.86 -9.43
N CYS C 41 -19.90 -12.54 -9.63
CA CYS C 41 -20.14 -11.60 -8.57
C CYS C 41 -21.62 -11.22 -8.53
N PHE C 42 -22.45 -12.16 -8.10
CA PHE C 42 -23.88 -11.97 -8.10
C PHE C 42 -24.36 -11.24 -6.85
N PHE C 43 -25.44 -10.48 -7.00
CA PHE C 43 -26.07 -9.80 -5.86
C PHE C 43 -26.62 -10.81 -4.86
N PRO C 44 -26.38 -10.58 -3.56
CA PRO C 44 -25.58 -9.47 -3.03
C PRO C 44 -24.11 -9.84 -2.83
N LEU C 45 -23.24 -8.83 -2.79
CA LEU C 45 -21.82 -9.05 -2.53
C LEU C 45 -21.51 -9.07 -1.03
N ALA C 46 -20.93 -10.17 -0.56
CA ALA C 46 -20.65 -10.34 0.86
C ALA C 46 -19.19 -10.05 1.18
N ASP C 47 -18.81 -10.22 2.44
CA ASP C 47 -17.45 -9.97 2.90
C ASP C 47 -16.42 -10.87 2.23
N ASP C 48 -16.83 -12.08 1.86
CA ASP C 48 -15.90 -13.09 1.37
C ASP C 48 -15.36 -12.79 -0.03
N VAL C 49 -15.82 -11.69 -0.64
CA VAL C 49 -15.28 -11.28 -1.93
C VAL C 49 -14.65 -9.89 -1.83
N THR C 50 -14.47 -9.43 -0.59
CA THR C 50 -13.84 -8.13 -0.29
C THR C 50 -14.23 -7.02 -1.28
N PRO C 51 -15.53 -6.78 -1.46
CA PRO C 51 -15.96 -5.87 -2.53
C PRO C 51 -15.58 -4.44 -2.26
N THR C 52 -15.49 -3.64 -3.33
CA THR C 52 -15.29 -2.21 -3.20
C THR C 52 -16.64 -1.50 -3.27
N LYS C 53 -16.64 -0.21 -3.00
CA LYS C 53 -17.87 0.57 -3.07
C LYS C 53 -18.37 0.62 -4.50
N HIS C 54 -17.45 0.78 -5.44
CA HIS C 54 -17.77 0.81 -6.86
C HIS C 54 -18.40 -0.51 -7.31
N ALA C 55 -17.82 -1.62 -6.83
CA ALA C 55 -18.34 -2.95 -7.14
C ALA C 55 -19.77 -3.11 -6.67
N ILE C 56 -20.06 -2.60 -5.47
CA ILE C 56 -21.40 -2.66 -4.91
C ILE C 56 -22.36 -1.78 -5.72
N VAL C 57 -21.92 -0.57 -6.03
CA VAL C 57 -22.70 0.36 -6.84
C VAL C 57 -23.02 -0.23 -8.21
N GLN C 58 -21.99 -0.68 -8.92
CA GLN C 58 -22.16 -1.23 -10.26
C GLN C 58 -23.09 -2.44 -10.28
N THR C 59 -22.98 -3.28 -9.26
CA THR C 59 -23.83 -4.45 -9.14
C THR C 59 -25.30 -4.04 -9.05
N LEU C 60 -25.57 -3.01 -8.25
CA LEU C 60 -26.91 -2.48 -8.11
C LEU C 60 -27.38 -1.83 -9.41
N VAL C 61 -26.45 -1.15 -10.08
CA VAL C 61 -26.74 -0.52 -11.37
C VAL C 61 -27.07 -1.59 -12.41
N HIS C 62 -26.30 -2.68 -12.37
CA HIS C 62 -26.55 -3.82 -13.25
C HIS C 62 -27.96 -4.39 -13.07
N LEU C 63 -28.41 -4.48 -11.82
CA LEU C 63 -29.76 -4.94 -11.54
C LEU C 63 -30.81 -4.05 -12.20
N LYS C 64 -30.54 -2.74 -12.21
CA LYS C 64 -31.47 -1.78 -12.82
C LYS C 64 -31.34 -1.77 -14.33
N PHE C 65 -30.11 -1.77 -14.84
CA PHE C 65 -29.87 -1.73 -16.29
C PHE C 65 -28.94 -2.85 -16.74
N PRO C 66 -29.47 -4.09 -16.78
CA PRO C 66 -28.65 -5.26 -17.12
C PRO C 66 -28.24 -5.31 -18.59
N THR C 67 -28.92 -4.54 -19.43
CA THR C 67 -28.65 -4.55 -20.86
C THR C 67 -27.61 -3.51 -21.25
N LYS C 68 -27.32 -2.60 -20.32
CA LYS C 68 -26.38 -1.51 -20.59
C LYS C 68 -25.14 -1.60 -19.71
N VAL C 69 -25.32 -2.04 -18.47
CA VAL C 69 -24.21 -2.12 -17.52
C VAL C 69 -24.00 -3.55 -17.02
N GLY C 70 -22.75 -4.00 -17.08
CA GLY C 70 -22.40 -5.33 -16.62
C GLY C 70 -22.11 -5.36 -15.12
N LYS C 71 -21.97 -6.57 -14.58
CA LYS C 71 -21.70 -6.73 -13.15
C LYS C 71 -20.22 -6.87 -12.88
N ALA C 72 -19.84 -6.77 -11.61
CA ALA C 72 -18.43 -6.85 -11.21
C ALA C 72 -17.79 -8.18 -11.61
N CYS C 73 -16.48 -8.15 -11.79
CA CYS C 73 -15.74 -9.35 -12.23
C CYS C 73 -15.00 -10.02 -11.08
N CYS C 74 -14.95 -11.35 -11.11
CA CYS C 74 -14.23 -12.11 -10.11
C CYS C 74 -12.75 -12.18 -10.46
N VAL C 75 -11.95 -11.37 -9.76
CA VAL C 75 -10.52 -11.28 -10.06
C VAL C 75 -9.67 -11.53 -8.81
N PRO C 76 -8.39 -11.88 -9.00
CA PRO C 76 -7.49 -12.03 -7.86
C PRO C 76 -7.31 -10.74 -7.09
N THR C 77 -7.28 -10.83 -5.76
CA THR C 77 -7.06 -9.66 -4.92
C THR C 77 -5.55 -9.48 -4.72
N LYS C 78 -5.03 -10.02 -3.62
CA LYS C 78 -3.60 -10.02 -3.38
C LYS C 78 -2.98 -11.28 -3.98
N LEU C 79 -1.74 -11.18 -4.47
CA LEU C 79 -1.08 -12.31 -5.10
C LEU C 79 0.12 -12.78 -4.29
N SER C 80 0.34 -14.10 -4.28
CA SER C 80 1.47 -14.70 -3.57
C SER C 80 2.65 -14.96 -4.50
N PRO C 81 3.87 -14.66 -4.03
CA PRO C 81 5.10 -14.90 -4.79
C PRO C 81 5.52 -16.37 -4.80
N ILE C 82 6.33 -16.74 -5.79
CA ILE C 82 6.93 -18.07 -5.85
C ILE C 82 8.43 -17.96 -6.10
N SER C 83 9.16 -19.05 -5.86
CA SER C 83 10.59 -19.05 -6.14
C SER C 83 10.85 -19.35 -7.61
N VAL C 84 11.64 -18.51 -8.25
CA VAL C 84 11.88 -18.63 -9.69
C VAL C 84 13.36 -18.52 -10.07
N LEU C 85 13.84 -19.50 -10.82
CA LEU C 85 15.19 -19.47 -11.39
C LEU C 85 15.08 -19.25 -12.89
N TYR C 86 15.72 -18.20 -13.39
CA TYR C 86 15.59 -17.85 -14.81
C TYR C 86 16.80 -17.11 -15.38
N LYS C 87 16.84 -16.97 -16.70
CA LYS C 87 17.91 -16.25 -17.38
C LYS C 87 17.49 -14.85 -17.78
N ASP C 88 18.35 -13.88 -17.50
CA ASP C 88 18.10 -12.49 -17.87
C ASP C 88 18.10 -12.29 -19.38
N ASP C 89 17.78 -11.07 -19.81
CA ASP C 89 17.87 -10.70 -21.22
C ASP C 89 19.31 -10.84 -21.72
N MET C 90 20.26 -10.66 -20.80
CA MET C 90 21.67 -10.81 -21.13
C MET C 90 22.10 -12.26 -20.99
N GLY C 91 21.15 -13.12 -20.63
CA GLY C 91 21.42 -14.54 -20.48
C GLY C 91 21.95 -14.90 -19.11
N VAL C 92 21.93 -13.93 -18.20
CA VAL C 92 22.43 -14.14 -16.84
C VAL C 92 21.45 -14.93 -15.98
N PRO C 93 21.91 -16.07 -15.43
CA PRO C 93 21.11 -16.90 -14.52
C PRO C 93 20.68 -16.12 -13.28
N THR C 94 19.38 -16.09 -13.01
CA THR C 94 18.86 -15.29 -11.90
C THR C 94 17.91 -16.10 -11.02
N LEU C 95 18.13 -16.04 -9.71
CA LEU C 95 17.27 -16.72 -8.75
C LEU C 95 16.63 -15.71 -7.81
N LYS C 96 15.31 -15.76 -7.71
CA LYS C 96 14.57 -14.87 -6.81
C LYS C 96 13.63 -15.65 -5.91
N TYR C 97 13.87 -15.54 -4.60
CA TYR C 97 13.07 -16.24 -3.60
C TYR C 97 11.62 -15.77 -3.63
N HIS C 98 11.42 -14.46 -3.79
CA HIS C 98 10.09 -13.89 -3.90
C HIS C 98 9.86 -13.26 -5.27
N TYR C 99 9.39 -14.07 -6.22
CA TYR C 99 9.00 -13.57 -7.53
C TYR C 99 7.51 -13.21 -7.47
N GLU C 100 7.24 -11.98 -7.06
CA GLU C 100 5.89 -11.55 -6.68
C GLU C 100 4.85 -11.65 -7.78
N GLY C 101 3.62 -11.98 -7.40
CA GLY C 101 2.48 -11.92 -8.32
C GLY C 101 2.28 -13.10 -9.25
N MET C 102 2.76 -14.28 -8.85
CA MET C 102 2.67 -15.45 -9.71
C MET C 102 1.45 -16.32 -9.41
N SER C 103 0.98 -16.31 -8.17
CA SER C 103 -0.16 -17.13 -7.78
C SER C 103 -1.16 -16.34 -6.95
N VAL C 104 -2.41 -16.79 -6.96
CA VAL C 104 -3.49 -16.10 -6.28
C VAL C 104 -3.55 -16.43 -4.79
N ALA C 105 -3.57 -15.38 -3.96
CA ALA C 105 -3.74 -15.55 -2.53
C ALA C 105 -5.22 -15.46 -2.16
N GLU C 106 -5.85 -14.35 -2.55
CA GLU C 106 -7.28 -14.19 -2.35
C GLU C 106 -7.99 -13.76 -3.62
N CYS C 107 -9.30 -14.01 -3.68
CA CYS C 107 -10.12 -13.57 -4.81
C CYS C 107 -11.15 -12.57 -4.34
N GLY C 108 -11.78 -11.88 -5.28
CA GLY C 108 -12.79 -10.90 -4.95
C GLY C 108 -13.48 -10.28 -6.14
N CYS C 109 -14.51 -9.48 -5.87
CA CYS C 109 -15.29 -8.85 -6.93
C CYS C 109 -14.91 -7.38 -7.06
N ARG C 110 -14.60 -6.98 -8.28
CA ARG C 110 -14.17 -5.60 -8.55
C ARG C 110 -14.92 -4.99 -9.73
N GLY D 5 -15.82 -4.85 -25.96
CA GLY D 5 -15.11 -6.09 -26.24
C GLY D 5 -13.96 -5.89 -27.20
N SER D 6 -13.17 -4.84 -26.97
CA SER D 6 -12.03 -4.53 -27.80
C SER D 6 -10.76 -4.43 -26.96
N HIS D 7 -10.62 -3.31 -26.26
CA HIS D 7 -9.46 -3.08 -25.41
C HIS D 7 -9.92 -2.55 -24.05
N CYS D 8 -9.39 -3.15 -22.99
CA CYS D 8 -9.73 -2.77 -21.62
C CYS D 8 -9.53 -1.28 -21.38
N GLN D 9 -10.63 -0.57 -21.16
CA GLN D 9 -10.58 0.88 -20.99
C GLN D 9 -11.73 1.39 -20.13
N LYS D 10 -11.56 2.60 -19.60
CA LYS D 10 -12.58 3.22 -18.78
C LYS D 10 -13.66 3.87 -19.64
N THR D 11 -14.92 3.59 -19.32
CA THR D 11 -16.03 4.18 -20.04
C THR D 11 -16.92 4.98 -19.10
N SER D 12 -17.76 5.83 -19.67
CA SER D 12 -18.64 6.68 -18.85
C SER D 12 -19.75 5.86 -18.21
N LEU D 13 -20.03 6.16 -16.94
CA LEU D 13 -21.13 5.52 -16.23
C LEU D 13 -21.71 6.48 -15.20
N ARG D 14 -22.83 7.09 -15.55
CA ARG D 14 -23.51 8.02 -14.66
C ARG D 14 -24.47 7.27 -13.76
N VAL D 15 -24.25 7.36 -12.45
CA VAL D 15 -25.05 6.61 -11.49
C VAL D 15 -25.98 7.51 -10.69
N ASN D 16 -27.28 7.28 -10.84
CA ASN D 16 -28.28 8.01 -10.08
C ASN D 16 -28.71 7.18 -8.88
N PHE D 17 -28.55 7.75 -7.68
CA PHE D 17 -28.85 7.03 -6.44
C PHE D 17 -30.35 6.74 -6.32
N GLU D 18 -31.17 7.57 -6.95
CA GLU D 18 -32.61 7.35 -6.98
C GLU D 18 -32.92 6.04 -7.69
N ASP D 19 -32.19 5.79 -8.79
CA ASP D 19 -32.39 4.58 -9.58
C ASP D 19 -32.07 3.31 -8.79
N ILE D 20 -31.02 3.37 -7.98
CA ILE D 20 -30.60 2.20 -7.21
C ILE D 20 -31.13 2.21 -5.78
N GLY D 21 -32.00 3.18 -5.49
CA GLY D 21 -32.68 3.23 -4.22
C GLY D 21 -31.82 3.69 -3.06
N TRP D 22 -30.69 4.31 -3.36
CA TRP D 22 -29.79 4.81 -2.32
C TRP D 22 -30.11 6.25 -1.94
N ASP D 23 -31.20 6.78 -2.47
CA ASP D 23 -31.61 8.14 -2.12
C ASP D 23 -32.22 8.19 -0.72
N SER D 24 -32.35 7.02 -0.11
CA SER D 24 -32.91 6.90 1.23
C SER D 24 -31.90 7.32 2.30
N TRP D 25 -30.62 7.31 1.95
CA TRP D 25 -29.58 7.67 2.91
C TRP D 25 -28.55 8.62 2.30
N ILE D 26 -28.36 8.54 0.98
CA ILE D 26 -27.47 9.50 0.31
C ILE D 26 -28.20 10.82 0.10
N ILE D 27 -27.68 11.87 0.73
CA ILE D 27 -28.29 13.19 0.63
C ILE D 27 -27.70 13.93 -0.58
N ALA D 28 -26.40 13.83 -0.73
CA ALA D 28 -25.71 14.45 -1.86
C ALA D 28 -24.46 13.65 -2.23
N PRO D 29 -24.16 13.55 -3.54
CA PRO D 29 -24.96 14.10 -4.64
C PRO D 29 -26.15 13.23 -5.00
N LYS D 30 -27.00 13.71 -5.91
CA LYS D 30 -28.11 12.92 -6.42
C LYS D 30 -27.61 11.90 -7.42
N GLU D 31 -26.65 12.33 -8.25
CA GLU D 31 -25.99 11.43 -9.20
C GLU D 31 -24.53 11.85 -9.38
N TYR D 32 -23.70 10.89 -9.78
CA TYR D 32 -22.28 11.15 -9.96
C TYR D 32 -21.67 10.26 -11.04
N GLU D 33 -20.50 10.64 -11.52
CA GLU D 33 -19.81 9.86 -12.55
C GLU D 33 -18.95 8.77 -11.90
N ALA D 34 -19.41 7.53 -11.99
CA ALA D 34 -18.73 6.40 -11.35
C ALA D 34 -17.75 5.72 -12.30
N TYR D 35 -17.99 5.88 -13.60
CA TYR D 35 -17.20 5.23 -14.65
C TYR D 35 -17.34 3.72 -14.62
N GLU D 36 -16.92 3.07 -15.71
CA GLU D 36 -16.99 1.62 -15.82
C GLU D 36 -15.85 1.11 -16.68
N CYS D 37 -15.36 -0.09 -16.35
CA CYS D 37 -14.30 -0.71 -17.15
C CYS D 37 -14.90 -1.70 -18.14
N LYS D 38 -14.79 -1.36 -19.42
CA LYS D 38 -15.31 -2.22 -20.49
C LYS D 38 -14.20 -2.63 -21.43
N GLY D 39 -14.40 -3.76 -22.09
CA GLY D 39 -13.40 -4.30 -23.01
C GLY D 39 -12.84 -5.58 -22.45
N GLY D 40 -12.14 -6.34 -23.28
CA GLY D 40 -11.57 -7.60 -22.86
C GLY D 40 -10.07 -7.52 -22.70
N CYS D 41 -9.52 -8.43 -21.92
CA CYS D 41 -8.07 -8.49 -21.72
C CYS D 41 -7.48 -9.50 -22.69
N PHE D 42 -7.46 -9.13 -23.96
CA PHE D 42 -6.99 -10.01 -25.03
C PHE D 42 -5.48 -9.91 -25.17
N PHE D 43 -4.87 -11.00 -25.63
CA PHE D 43 -3.45 -11.03 -25.92
C PHE D 43 -3.12 -10.04 -27.04
N PRO D 44 -2.02 -9.27 -26.87
CA PRO D 44 -1.19 -9.27 -25.67
C PRO D 44 -1.60 -8.20 -24.66
N LEU D 45 -1.22 -8.39 -23.40
CA LEU D 45 -1.47 -7.38 -22.38
C LEU D 45 -0.30 -6.39 -22.38
N ALA D 46 -0.61 -5.12 -22.63
CA ALA D 46 0.42 -4.09 -22.72
C ALA D 46 0.53 -3.27 -21.44
N ASP D 47 1.40 -2.27 -21.47
CA ASP D 47 1.62 -1.42 -20.31
C ASP D 47 0.36 -0.66 -19.90
N ASP D 48 -0.47 -0.34 -20.88
CA ASP D 48 -1.64 0.51 -20.66
C ASP D 48 -2.78 -0.16 -19.90
N VAL D 49 -2.61 -1.44 -19.56
CA VAL D 49 -3.61 -2.13 -18.75
C VAL D 49 -3.01 -2.60 -17.43
N THR D 50 -1.82 -2.10 -17.12
CA THR D 50 -1.11 -2.41 -15.87
C THR D 50 -1.24 -3.86 -15.41
N PRO D 51 -0.89 -4.81 -16.28
CA PRO D 51 -1.15 -6.23 -15.99
C PRO D 51 -0.29 -6.76 -14.86
N THR D 52 -0.74 -7.82 -14.21
CA THR D 52 0.07 -8.52 -13.22
C THR D 52 0.76 -9.69 -13.91
N LYS D 53 1.67 -10.34 -13.20
CA LYS D 53 2.36 -11.50 -13.76
C LYS D 53 1.37 -12.64 -13.94
N HIS D 54 0.47 -12.79 -12.98
CA HIS D 54 -0.58 -13.81 -13.06
C HIS D 54 -1.49 -13.59 -14.26
N ALA D 55 -1.86 -12.33 -14.49
CA ALA D 55 -2.71 -11.97 -15.62
C ALA D 55 -2.06 -12.36 -16.94
N ILE D 56 -0.76 -12.10 -17.05
CA ILE D 56 -0.01 -12.46 -18.26
C ILE D 56 0.05 -13.97 -18.40
N VAL D 57 0.34 -14.66 -17.29
CA VAL D 57 0.36 -16.12 -17.27
C VAL D 57 -0.99 -16.68 -17.68
N GLN D 58 -2.04 -16.21 -17.01
CA GLN D 58 -3.39 -16.69 -17.26
C GLN D 58 -3.83 -16.46 -18.71
N THR D 59 -3.46 -15.30 -19.24
CA THR D 59 -3.78 -14.97 -20.63
C THR D 59 -3.13 -15.94 -21.60
N LEU D 60 -1.86 -16.27 -21.34
CA LEU D 60 -1.15 -17.22 -22.18
C LEU D 60 -1.72 -18.63 -22.01
N VAL D 61 -2.07 -18.99 -20.78
CA VAL D 61 -2.68 -20.29 -20.52
C VAL D 61 -4.03 -20.37 -21.22
N HIS D 62 -4.81 -19.30 -21.11
CA HIS D 62 -6.09 -19.21 -21.82
C HIS D 62 -5.90 -19.31 -23.33
N LEU D 63 -4.88 -18.61 -23.84
CA LEU D 63 -4.57 -18.66 -25.25
C LEU D 63 -4.25 -20.08 -25.68
N LYS D 64 -3.55 -20.81 -24.81
CA LYS D 64 -3.16 -22.18 -25.07
C LYS D 64 -4.34 -23.14 -24.84
N PHE D 65 -5.05 -22.94 -23.73
CA PHE D 65 -6.19 -23.80 -23.36
C PHE D 65 -7.44 -22.98 -23.11
N PRO D 66 -8.09 -22.50 -24.18
CA PRO D 66 -9.25 -21.61 -24.10
C PRO D 66 -10.51 -22.29 -23.56
N THR D 67 -10.54 -23.61 -23.57
CA THR D 67 -11.72 -24.35 -23.14
C THR D 67 -11.66 -24.69 -21.66
N LYS D 68 -10.50 -24.50 -21.05
CA LYS D 68 -10.32 -24.87 -19.65
C LYS D 68 -10.09 -23.65 -18.75
N VAL D 69 -9.36 -22.67 -19.28
CA VAL D 69 -9.01 -21.48 -18.52
C VAL D 69 -9.50 -20.21 -19.20
N GLY D 70 -10.16 -19.35 -18.44
CA GLY D 70 -10.64 -18.08 -18.98
C GLY D 70 -9.53 -17.05 -18.96
N LYS D 71 -9.77 -15.91 -19.60
CA LYS D 71 -8.78 -14.85 -19.67
C LYS D 71 -8.99 -13.82 -18.56
N ALA D 72 -8.00 -12.97 -18.36
CA ALA D 72 -8.05 -11.93 -17.33
C ALA D 72 -9.26 -11.01 -17.54
N CYS D 73 -9.75 -10.42 -16.46
CA CYS D 73 -10.91 -9.55 -16.53
C CYS D 73 -10.53 -8.08 -16.47
N CYS D 74 -11.26 -7.25 -17.21
CA CYS D 74 -11.04 -5.82 -17.21
C CYS D 74 -11.73 -5.18 -16.02
N VAL D 75 -10.95 -4.84 -14.99
CA VAL D 75 -11.50 -4.30 -13.76
C VAL D 75 -10.82 -2.98 -13.41
N PRO D 76 -11.47 -2.15 -12.57
CA PRO D 76 -10.83 -0.93 -12.11
C PRO D 76 -9.58 -1.21 -11.29
N THR D 77 -8.54 -0.41 -11.51
CA THR D 77 -7.30 -0.51 -10.76
C THR D 77 -7.42 0.32 -9.50
N LYS D 78 -6.98 1.57 -9.56
CA LYS D 78 -7.16 2.49 -8.44
C LYS D 78 -8.50 3.21 -8.58
N LEU D 79 -9.13 3.50 -7.45
CA LEU D 79 -10.43 4.16 -7.45
C LEU D 79 -10.35 5.57 -6.88
N SER D 80 -11.13 6.48 -7.44
CA SER D 80 -11.15 7.87 -6.99
C SER D 80 -12.31 8.14 -6.03
N PRO D 81 -12.03 8.87 -4.95
CA PRO D 81 -13.06 9.26 -3.98
C PRO D 81 -13.96 10.39 -4.48
N ILE D 82 -15.15 10.51 -3.91
CA ILE D 82 -16.04 11.63 -4.20
C ILE D 82 -16.54 12.23 -2.89
N SER D 83 -17.09 13.44 -2.96
CA SER D 83 -17.67 14.07 -1.77
C SER D 83 -19.09 13.55 -1.57
N VAL D 84 -19.38 13.06 -0.36
CA VAL D 84 -20.68 12.46 -0.08
C VAL D 84 -21.29 12.96 1.23
N LEU D 85 -22.53 13.42 1.14
CA LEU D 85 -23.31 13.77 2.31
C LEU D 85 -24.40 12.73 2.51
N TYR D 86 -24.42 12.11 3.69
CA TYR D 86 -25.37 11.02 3.93
C TYR D 86 -25.74 10.90 5.40
N LYS D 87 -26.75 10.08 5.68
CA LYS D 87 -27.19 9.83 7.05
C LYS D 87 -26.60 8.52 7.57
N ASP D 88 -26.09 8.56 8.79
CA ASP D 88 -25.49 7.39 9.43
C ASP D 88 -26.55 6.32 9.71
N ASP D 89 -26.09 5.16 10.17
CA ASP D 89 -26.99 4.10 10.61
C ASP D 89 -27.86 4.58 11.76
N MET D 90 -27.30 5.50 12.56
CA MET D 90 -28.03 6.10 13.66
C MET D 90 -28.84 7.30 13.19
N GLY D 91 -28.78 7.58 11.89
CA GLY D 91 -29.52 8.69 11.30
C GLY D 91 -28.77 10.01 11.39
N VAL D 92 -27.51 9.95 11.81
CA VAL D 92 -26.68 11.15 11.95
C VAL D 92 -26.19 11.64 10.60
N PRO D 93 -26.51 12.91 10.26
CA PRO D 93 -26.02 13.52 9.02
C PRO D 93 -24.49 13.53 8.97
N THR D 94 -23.92 12.96 7.92
CA THR D 94 -22.48 12.83 7.82
C THR D 94 -21.96 13.31 6.48
N LEU D 95 -20.94 14.15 6.50
CA LEU D 95 -20.31 14.64 5.27
C LEU D 95 -18.86 14.24 5.21
N LYS D 96 -18.48 13.60 4.10
CA LYS D 96 -17.10 13.17 3.90
C LYS D 96 -16.56 13.68 2.56
N TYR D 97 -15.53 14.51 2.62
CA TYR D 97 -14.93 15.09 1.42
C TYR D 97 -14.33 13.99 0.55
N HIS D 98 -13.68 13.02 1.18
CA HIS D 98 -13.12 11.88 0.47
C HIS D 98 -13.82 10.57 0.84
N TYR D 99 -14.88 10.26 0.11
CA TYR D 99 -15.58 8.99 0.25
C TYR D 99 -14.94 8.00 -0.73
N GLU D 100 -13.88 7.35 -0.28
CA GLU D 100 -12.98 6.59 -1.16
C GLU D 100 -13.67 5.44 -1.90
N GLY D 101 -13.22 5.19 -3.13
CA GLY D 101 -13.63 4.02 -3.87
C GLY D 101 -14.97 4.09 -4.59
N MET D 102 -15.40 5.29 -4.95
CA MET D 102 -16.71 5.46 -5.60
C MET D 102 -16.64 5.52 -7.12
N SER D 103 -15.51 5.97 -7.66
CA SER D 103 -15.37 6.08 -9.11
C SER D 103 -14.03 5.52 -9.59
N VAL D 104 -13.99 5.12 -10.86
CA VAL D 104 -12.81 4.50 -11.44
C VAL D 104 -11.77 5.52 -11.90
N ALA D 105 -10.54 5.37 -11.44
CA ALA D 105 -9.44 6.21 -11.89
C ALA D 105 -8.75 5.56 -13.09
N GLU D 106 -8.29 4.32 -12.89
CA GLU D 106 -7.67 3.55 -13.97
C GLU D 106 -8.28 2.16 -14.08
N CYS D 107 -8.14 1.56 -15.25
CA CYS D 107 -8.60 0.19 -15.48
C CYS D 107 -7.41 -0.74 -15.76
N GLY D 108 -7.66 -2.04 -15.72
CA GLY D 108 -6.60 -3.00 -15.97
C GLY D 108 -7.06 -4.44 -16.01
N CYS D 109 -6.14 -5.33 -16.38
CA CYS D 109 -6.44 -6.75 -16.51
C CYS D 109 -5.89 -7.54 -15.34
N ARG D 110 -6.76 -8.35 -14.73
CA ARG D 110 -6.37 -9.13 -13.56
C ARG D 110 -6.78 -10.59 -13.70
#